data_6DT4
#
_entry.id   6DT4
#
_cell.length_a   53.876
_cell.length_b   82.800
_cell.length_c   106.350
_cell.angle_alpha   90.00
_cell.angle_beta   90.00
_cell.angle_gamma   90.00
#
_symmetry.space_group_name_H-M   'P 21 21 21'
#
loop_
_entity.id
_entity.type
_entity.pdbx_description
1 polymer 'Cyclic AMP receptor protein'
2 non-polymer "ADENOSINE-3',5'-CYCLIC-MONOPHOSPHATE"
3 non-polymer 'CHLORIDE ION'
4 water water
#
_entity_poly.entity_id   1
_entity_poly.type   'polypeptide(L)'
_entity_poly.pdbx_seq_one_letter_code
;SNAMVLGKPQTDPTLEWFLSHCHIHKYPSKSTLIHQGEKAETLYYIVKGSVAVLIKDEEGKEMILSYLNQGDFIGELGLF
EEGQERSAWVRAKTACEVAEISYKKFRQLIQVNPDILMRLSSQMANRLQITSEKVGNLAFLDVTGRIAQTLLNLAKQPDA
MTHPDGMQIKITRQEIGQIVGCSRETVGRILKMLEDQNLISAHGKTIVVYGTR
;
_entity_poly.pdbx_strand_id   A,B
#
loop_
_chem_comp.id
_chem_comp.type
_chem_comp.name
_chem_comp.formula
CL non-polymer 'CHLORIDE ION' 'Cl -1'
CMP non-polymer ADENOSINE-3',5'-CYCLIC-MONOPHOSPHATE 'C10 H12 N5 O6 P'
#
# COMPACT_ATOMS: atom_id res chain seq x y z
N PRO A 9 0.41 20.67 -8.02
CA PRO A 9 0.91 22.04 -8.26
C PRO A 9 1.13 22.40 -9.74
N GLN A 10 1.22 21.37 -10.59
CA GLN A 10 1.47 21.49 -12.02
C GLN A 10 0.33 20.80 -12.80
N THR A 11 -0.45 21.59 -13.53
CA THR A 11 -1.54 20.98 -14.31
C THR A 11 -1.01 20.76 -15.75
N ASP A 12 -1.84 20.19 -16.61
CA ASP A 12 -1.46 19.98 -18.01
C ASP A 12 -2.75 19.90 -18.82
N PRO A 13 -2.69 19.95 -20.17
CA PRO A 13 -3.91 19.93 -20.97
C PRO A 13 -4.85 18.75 -20.68
N THR A 14 -4.28 17.58 -20.43
CA THR A 14 -5.10 16.42 -20.20
C THR A 14 -5.95 16.65 -18.94
N LEU A 15 -5.30 17.15 -17.89
CA LEU A 15 -5.97 17.37 -16.64
C LEU A 15 -6.98 18.49 -16.74
N GLU A 16 -6.68 19.57 -17.48
CA GLU A 16 -7.65 20.66 -17.57
C GLU A 16 -8.87 20.20 -18.40
N TRP A 17 -8.64 19.35 -19.39
CA TRP A 17 -9.76 18.79 -20.19
C TRP A 17 -10.67 17.97 -19.26
N PHE A 18 -10.04 17.14 -18.42
CA PHE A 18 -10.76 16.34 -17.46
C PHE A 18 -11.55 17.24 -16.52
N LEU A 19 -10.88 18.29 -16.01
CA LEU A 19 -11.52 19.16 -15.01
C LEU A 19 -12.71 19.91 -15.61
N SER A 20 -12.67 20.11 -16.93
CA SER A 20 -13.75 20.83 -17.56
C SER A 20 -15.05 20.02 -17.47
N HIS A 21 -14.95 18.71 -17.20
CA HIS A 21 -16.14 17.80 -17.08
C HIS A 21 -16.57 17.59 -15.63
N CYS A 22 -15.84 18.20 -14.71
CA CYS A 22 -16.12 18.02 -13.30
C CYS A 22 -16.84 19.24 -12.71
N HIS A 23 -17.38 19.07 -11.49
CA HIS A 23 -17.88 20.20 -10.70
C HIS A 23 -16.90 20.36 -9.54
N ILE A 24 -16.48 21.59 -9.25
CA ILE A 24 -15.57 21.80 -8.15
C ILE A 24 -16.36 22.22 -6.90
N HIS A 25 -16.14 21.51 -5.79
CA HIS A 25 -16.79 21.79 -4.51
C HIS A 25 -15.75 22.17 -3.46
N LYS A 26 -16.18 22.98 -2.48
CA LYS A 26 -15.28 23.36 -1.40
C LYS A 26 -15.60 22.51 -0.17
N TYR A 27 -14.55 22.14 0.55
CA TYR A 27 -14.69 21.40 1.79
C TYR A 27 -13.91 22.13 2.88
N PRO A 28 -14.58 22.56 3.96
CA PRO A 28 -13.87 23.20 5.08
C PRO A 28 -12.97 22.21 5.79
N SER A 29 -11.99 22.75 6.50
CA SER A 29 -11.11 21.94 7.30
C SER A 29 -11.97 21.11 8.27
N LYS A 30 -11.61 19.83 8.43
CA LYS A 30 -12.25 18.88 9.35
C LYS A 30 -13.45 18.16 8.72
N SER A 31 -13.96 18.65 7.59
CA SER A 31 -15.12 17.98 7.01
C SER A 31 -14.71 16.65 6.35
N THR A 32 -15.67 15.74 6.26
CA THR A 32 -15.41 14.45 5.68
C THR A 32 -15.78 14.45 4.20
N LEU A 33 -14.83 14.05 3.35
CA LEU A 33 -15.09 13.84 1.90
C LEU A 33 -15.66 12.43 1.65
N ILE A 34 -15.05 11.43 2.30
CA ILE A 34 -15.37 10.01 2.08
C ILE A 34 -15.41 9.27 3.42
N HIS A 35 -16.45 8.44 3.59
N HIS A 35 -16.42 8.42 3.58
CA HIS A 35 -16.62 7.58 4.75
CA HIS A 35 -16.56 7.60 4.77
C HIS A 35 -16.30 6.13 4.36
C HIS A 35 -16.33 6.13 4.40
N GLN A 36 -15.46 5.45 5.16
CA GLN A 36 -15.16 4.05 4.92
C GLN A 36 -16.45 3.23 4.92
N GLY A 37 -16.55 2.28 4.00
CA GLY A 37 -17.71 1.35 3.97
C GLY A 37 -18.88 1.81 3.13
N GLU A 38 -18.90 3.09 2.71
N GLU A 38 -18.88 3.09 2.71
CA GLU A 38 -20.02 3.56 1.91
CA GLU A 38 -19.98 3.61 1.88
C GLU A 38 -19.84 3.17 0.44
C GLU A 38 -19.83 3.15 0.43
N LYS A 39 -20.95 3.08 -0.30
CA LYS A 39 -20.92 2.70 -1.71
C LYS A 39 -20.19 3.79 -2.48
N ALA A 40 -19.29 3.36 -3.38
CA ALA A 40 -18.47 4.28 -4.17
C ALA A 40 -19.11 4.50 -5.55
N GLU A 41 -19.38 5.76 -5.91
CA GLU A 41 -19.92 6.10 -7.23
C GLU A 41 -19.25 7.36 -7.78
N THR A 42 -18.28 7.93 -7.03
CA THR A 42 -17.69 9.24 -7.35
C THR A 42 -16.15 9.23 -7.26
N LEU A 43 -15.52 9.90 -8.24
CA LEU A 43 -14.08 10.12 -8.29
C LEU A 43 -13.82 11.60 -7.94
N TYR A 44 -12.76 11.83 -7.15
CA TYR A 44 -12.39 13.14 -6.70
C TYR A 44 -10.98 13.47 -7.18
N TYR A 45 -10.74 14.78 -7.32
CA TYR A 45 -9.42 15.29 -7.67
C TYR A 45 -9.20 16.61 -6.94
N ILE A 46 -8.13 16.68 -6.13
CA ILE A 46 -7.85 17.88 -5.34
C ILE A 46 -7.23 19.00 -6.20
N VAL A 47 -7.98 20.09 -6.31
N VAL A 47 -7.94 20.13 -6.33
CA VAL A 47 -7.56 21.30 -7.02
CA VAL A 47 -7.36 21.27 -7.08
C VAL A 47 -6.72 22.15 -6.08
C VAL A 47 -6.76 22.28 -6.10
N LYS A 48 -7.09 22.15 -4.80
CA LYS A 48 -6.42 22.96 -3.79
C LYS A 48 -6.64 22.35 -2.41
N GLY A 49 -5.59 22.35 -1.60
CA GLY A 49 -5.68 21.89 -0.21
C GLY A 49 -5.08 20.53 0.02
N SER A 50 -5.35 19.98 1.20
CA SER A 50 -4.81 18.69 1.57
C SER A 50 -5.84 17.93 2.43
N VAL A 51 -5.76 16.59 2.35
CA VAL A 51 -6.62 15.72 3.06
C VAL A 51 -5.78 14.64 3.74
N ALA A 52 -6.42 13.97 4.70
CA ALA A 52 -5.84 12.84 5.38
C ALA A 52 -6.69 11.61 5.02
N VAL A 53 -6.01 10.49 4.73
CA VAL A 53 -6.64 9.22 4.47
C VAL A 53 -6.49 8.41 5.75
N LEU A 54 -7.62 7.96 6.35
CA LEU A 54 -7.54 7.29 7.64
C LEU A 54 -8.15 5.89 7.59
N ILE A 55 -7.57 4.98 8.37
CA ILE A 55 -8.07 3.65 8.54
C ILE A 55 -7.98 3.33 10.04
N LYS A 56 -8.51 2.19 10.46
CA LYS A 56 -8.47 1.84 11.88
C LYS A 56 -7.87 0.44 12.05
N ASP A 57 -7.19 0.22 13.18
CA ASP A 57 -6.65 -1.11 13.49
C ASP A 57 -7.79 -1.96 14.10
N GLU A 58 -7.46 -3.20 14.54
CA GLU A 58 -8.52 -4.11 15.03
C GLU A 58 -9.04 -3.68 16.39
N GLU A 59 -8.37 -2.71 17.03
CA GLU A 59 -8.83 -2.19 18.32
C GLU A 59 -9.54 -0.84 18.13
N GLY A 60 -9.72 -0.39 16.88
CA GLY A 60 -10.44 0.85 16.60
C GLY A 60 -9.54 2.07 16.63
N LYS A 61 -8.22 1.86 16.73
CA LYS A 61 -7.30 3.00 16.74
C LYS A 61 -7.08 3.50 15.31
N GLU A 62 -7.19 4.81 15.16
CA GLU A 62 -7.12 5.46 13.88
C GLU A 62 -5.66 5.67 13.46
N MET A 63 -5.37 5.36 12.20
N MET A 63 -5.35 5.34 12.21
CA MET A 63 -4.08 5.62 11.61
CA MET A 63 -4.03 5.57 11.61
C MET A 63 -4.25 6.59 10.45
C MET A 63 -4.17 6.46 10.37
N ILE A 64 -3.21 7.39 10.20
CA ILE A 64 -3.14 8.24 9.02
C ILE A 64 -2.34 7.44 7.99
N LEU A 65 -3.05 6.86 7.04
CA LEU A 65 -2.48 6.02 6.04
C LEU A 65 -1.69 6.87 5.02
N SER A 66 -2.15 8.10 4.78
CA SER A 66 -1.47 8.98 3.83
C SER A 66 -2.08 10.37 3.89
N TYR A 67 -1.29 11.39 3.57
CA TYR A 67 -1.88 12.68 3.23
C TYR A 67 -1.97 12.73 1.70
N LEU A 68 -2.94 13.47 1.16
CA LEU A 68 -3.02 13.70 -0.29
C LEU A 68 -3.17 15.21 -0.47
N ASN A 69 -2.68 15.70 -1.61
CA ASN A 69 -2.51 17.14 -1.82
C ASN A 69 -2.98 17.53 -3.22
N GLN A 70 -2.85 18.82 -3.52
CA GLN A 70 -3.23 19.33 -4.84
C GLN A 70 -2.63 18.44 -5.92
N GLY A 71 -3.49 18.00 -6.85
CA GLY A 71 -3.08 17.18 -7.99
C GLY A 71 -3.34 15.69 -7.78
N ASP A 72 -3.77 15.31 -6.57
CA ASP A 72 -4.07 13.93 -6.26
C ASP A 72 -5.54 13.58 -6.51
N PHE A 73 -5.74 12.43 -7.14
CA PHE A 73 -7.05 11.76 -7.23
C PHE A 73 -7.39 11.15 -5.87
N ILE A 74 -8.68 11.07 -5.57
CA ILE A 74 -9.14 10.39 -4.38
C ILE A 74 -10.39 9.60 -4.78
N GLY A 75 -10.62 8.52 -4.07
CA GLY A 75 -11.82 7.73 -4.29
C GLY A 75 -11.77 6.94 -5.57
N GLU A 76 -10.57 6.58 -6.01
CA GLU A 76 -10.43 5.86 -7.28
C GLU A 76 -10.54 4.33 -7.09
N LEU A 77 -10.33 3.83 -5.87
CA LEU A 77 -10.25 2.39 -5.71
C LEU A 77 -11.59 1.71 -5.99
N GLY A 78 -12.70 2.45 -5.97
CA GLY A 78 -14.01 1.84 -6.23
C GLY A 78 -14.39 1.77 -7.71
N LEU A 79 -13.58 2.41 -8.57
CA LEU A 79 -13.89 2.56 -10.01
C LEU A 79 -13.84 1.25 -10.82
N PHE A 80 -12.99 0.30 -10.42
CA PHE A 80 -12.65 -0.84 -11.33
C PHE A 80 -13.58 -2.05 -11.25
N GLU A 81 -14.27 -2.23 -10.12
N GLU A 81 -14.24 -2.23 -10.08
CA GLU A 81 -15.20 -3.34 -10.01
CA GLU A 81 -15.17 -3.36 -9.83
C GLU A 81 -16.52 -2.79 -9.42
C GLU A 81 -16.52 -2.81 -9.35
N GLU A 82 -17.62 -3.44 -9.79
CA GLU A 82 -18.95 -3.00 -9.37
C GLU A 82 -19.18 -3.32 -7.89
N GLY A 83 -19.90 -2.41 -7.21
CA GLY A 83 -20.32 -2.59 -5.81
C GLY A 83 -19.21 -2.53 -4.78
N GLN A 84 -18.13 -1.82 -5.13
N GLN A 84 -18.12 -1.84 -5.13
CA GLN A 84 -17.02 -1.66 -4.23
CA GLN A 84 -16.99 -1.70 -4.21
C GLN A 84 -17.39 -0.63 -3.15
C GLN A 84 -17.34 -0.63 -3.17
N GLU A 85 -16.84 -0.82 -1.95
CA GLU A 85 -17.06 0.09 -0.85
C GLU A 85 -15.77 0.89 -0.62
N ARG A 86 -15.94 2.08 -0.08
CA ARG A 86 -14.79 2.95 0.25
C ARG A 86 -13.87 2.23 1.23
N SER A 87 -12.57 2.26 0.95
CA SER A 87 -11.55 1.52 1.73
C SER A 87 -11.07 2.30 2.95
N ALA A 88 -11.41 3.58 3.05
CA ALA A 88 -10.89 4.44 4.08
C ALA A 88 -11.74 5.70 4.21
N TRP A 89 -11.55 6.42 5.31
CA TRP A 89 -12.13 7.75 5.49
C TRP A 89 -11.13 8.75 4.90
N VAL A 90 -11.66 9.82 4.30
CA VAL A 90 -10.84 10.91 3.81
C VAL A 90 -11.44 12.18 4.39
N ARG A 91 -10.65 12.93 5.16
N ARG A 91 -10.62 12.94 5.13
CA ARG A 91 -11.14 14.19 5.76
CA ARG A 91 -11.03 14.15 5.82
C ARG A 91 -10.17 15.33 5.41
C ARG A 91 -10.14 15.33 5.38
N ALA A 92 -10.74 16.52 5.22
CA ALA A 92 -10.00 17.72 4.89
C ALA A 92 -9.11 18.13 6.05
N LYS A 93 -7.83 18.38 5.77
CA LYS A 93 -6.83 18.84 6.77
C LYS A 93 -6.79 20.37 6.73
N THR A 94 -6.92 20.93 5.54
CA THR A 94 -7.05 22.36 5.34
C THR A 94 -8.36 22.58 4.61
N ALA A 95 -8.74 23.84 4.35
CA ALA A 95 -9.85 24.09 3.45
C ALA A 95 -9.41 23.52 2.08
N CYS A 96 -10.29 22.82 1.39
CA CYS A 96 -9.97 22.20 0.12
C CYS A 96 -10.96 22.59 -0.97
N GLU A 97 -10.48 22.52 -2.21
CA GLU A 97 -11.29 22.65 -3.41
C GLU A 97 -11.11 21.32 -4.14
N VAL A 98 -12.21 20.62 -4.37
CA VAL A 98 -12.15 19.28 -4.90
C VAL A 98 -13.13 19.10 -6.07
N ALA A 99 -12.58 18.64 -7.19
CA ALA A 99 -13.34 18.33 -8.38
C ALA A 99 -13.96 16.94 -8.18
N GLU A 100 -15.20 16.76 -8.64
CA GLU A 100 -15.90 15.50 -8.52
C GLU A 100 -16.53 15.12 -9.86
N ILE A 101 -16.60 13.83 -10.12
CA ILE A 101 -17.22 13.31 -11.34
C ILE A 101 -17.72 11.91 -11.04
N SER A 102 -18.90 11.57 -11.60
CA SER A 102 -19.39 10.24 -11.36
C SER A 102 -18.48 9.22 -12.06
N TYR A 103 -18.43 8.02 -11.50
CA TYR A 103 -17.70 6.95 -12.17
C TYR A 103 -18.29 6.73 -13.57
N LYS A 104 -19.61 6.81 -13.69
CA LYS A 104 -20.23 6.56 -15.01
C LYS A 104 -19.66 7.53 -16.05
N LYS A 105 -19.60 8.82 -15.70
CA LYS A 105 -19.07 9.84 -16.62
C LYS A 105 -17.57 9.65 -16.87
N PHE A 106 -16.84 9.27 -15.83
CA PHE A 106 -15.40 9.10 -15.93
C PHE A 106 -15.07 7.93 -16.88
N ARG A 107 -15.87 6.86 -16.83
CA ARG A 107 -15.59 5.72 -17.71
C ARG A 107 -15.71 6.15 -19.18
N GLN A 108 -16.65 7.06 -19.45
CA GLN A 108 -16.78 7.53 -20.81
C GLN A 108 -15.57 8.39 -21.19
N LEU A 109 -15.06 9.20 -20.25
CA LEU A 109 -13.90 10.05 -20.54
C LEU A 109 -12.68 9.20 -20.89
N ILE A 110 -12.55 8.07 -20.19
CA ILE A 110 -11.46 7.12 -20.44
C ILE A 110 -11.46 6.69 -21.90
N GLN A 111 -12.65 6.43 -22.44
CA GLN A 111 -12.74 6.00 -23.85
C GLN A 111 -12.39 7.17 -24.78
N VAL A 112 -12.75 8.38 -24.39
CA VAL A 112 -12.46 9.55 -25.23
C VAL A 112 -10.95 9.81 -25.25
N ASN A 113 -10.30 9.73 -24.07
CA ASN A 113 -8.87 9.96 -23.98
C ASN A 113 -8.30 9.17 -22.82
N PRO A 114 -7.74 7.97 -23.08
CA PRO A 114 -7.19 7.11 -22.03
C PRO A 114 -6.00 7.70 -21.27
N ASP A 115 -5.45 8.81 -21.76
CA ASP A 115 -4.37 9.45 -21.05
C ASP A 115 -4.86 9.84 -19.64
N ILE A 116 -6.17 10.09 -19.46
CA ILE A 116 -6.64 10.48 -18.12
C ILE A 116 -6.56 9.27 -17.19
N LEU A 117 -6.74 8.05 -17.73
CA LEU A 117 -6.64 6.85 -16.90
C LEU A 117 -5.16 6.60 -16.58
N MET A 118 -4.28 6.96 -17.51
CA MET A 118 -2.85 6.84 -17.27
C MET A 118 -2.45 7.73 -16.08
N ARG A 119 -3.02 8.93 -16.01
CA ARG A 119 -2.71 9.84 -14.89
C ARG A 119 -3.15 9.23 -13.55
N LEU A 120 -4.36 8.68 -13.53
CA LEU A 120 -4.91 8.12 -12.31
C LEU A 120 -4.10 6.87 -11.88
N SER A 121 -3.81 6.00 -12.85
CA SER A 121 -3.12 4.73 -12.62
C SER A 121 -1.70 4.99 -12.11
N SER A 122 -1.09 6.06 -12.62
CA SER A 122 0.24 6.46 -12.20
C SER A 122 0.27 6.72 -10.69
N GLN A 123 -0.79 7.33 -10.19
CA GLN A 123 -0.83 7.67 -8.77
C GLN A 123 -1.09 6.42 -7.94
N MET A 124 -1.94 5.53 -8.45
CA MET A 124 -2.21 4.26 -7.79
C MET A 124 -0.90 3.47 -7.66
N ALA A 125 -0.11 3.43 -8.75
CA ALA A 125 1.19 2.73 -8.72
C ALA A 125 2.12 3.33 -7.66
N ASN A 126 2.19 4.66 -7.61
N ASN A 126 2.22 4.66 -7.61
CA ASN A 126 3.05 5.39 -6.67
CA ASN A 126 3.10 5.32 -6.64
C ASN A 126 2.62 5.06 -5.23
C ASN A 126 2.62 5.01 -5.21
N ARG A 127 1.29 5.03 -5.01
CA ARG A 127 0.73 4.77 -3.69
C ARG A 127 1.07 3.36 -3.24
N LEU A 128 1.03 2.40 -4.17
CA LEU A 128 1.34 1.04 -3.80
C LEU A 128 2.80 0.95 -3.34
N GLN A 129 3.69 1.64 -4.06
N GLN A 129 3.71 1.65 -4.02
CA GLN A 129 5.12 1.66 -3.71
CA GLN A 129 5.15 1.59 -3.65
C GLN A 129 5.30 2.22 -2.29
C GLN A 129 5.38 2.26 -2.29
N ILE A 130 4.70 3.40 -2.08
CA ILE A 130 4.81 4.13 -0.81
C ILE A 130 4.26 3.30 0.36
N THR A 131 3.10 2.68 0.14
CA THR A 131 2.44 1.92 1.20
C THR A 131 3.20 0.61 1.48
N SER A 132 3.77 0.02 0.42
CA SER A 132 4.61 -1.16 0.56
C SER A 132 5.87 -0.84 1.38
N GLU A 133 6.44 0.33 1.16
CA GLU A 133 7.61 0.72 1.91
C GLU A 133 7.24 0.89 3.40
N LYS A 134 6.03 1.41 3.65
CA LYS A 134 5.57 1.64 5.02
C LYS A 134 5.39 0.28 5.73
N VAL A 135 4.88 -0.70 5.01
CA VAL A 135 4.63 -1.98 5.64
C VAL A 135 5.99 -2.63 5.93
N GLY A 136 6.97 -2.44 5.05
CA GLY A 136 8.31 -2.94 5.32
C GLY A 136 8.97 -2.25 6.53
N ASN A 137 8.75 -0.94 6.67
CA ASN A 137 9.35 -0.18 7.78
C ASN A 137 8.80 -0.65 9.13
N LEU A 138 7.53 -1.07 9.14
CA LEU A 138 6.87 -1.49 10.39
C LEU A 138 7.66 -2.60 11.05
N ALA A 139 8.30 -3.42 10.21
CA ALA A 139 9.08 -4.54 10.68
C ALA A 139 10.59 -4.24 10.69
N PHE A 140 11.11 -3.72 9.57
CA PHE A 140 12.57 -3.53 9.44
C PHE A 140 13.13 -2.44 10.35
N LEU A 141 12.29 -1.51 10.84
CA LEU A 141 12.78 -0.43 11.65
C LEU A 141 12.22 -0.54 13.06
N ASP A 142 12.99 -0.04 14.03
CA ASP A 142 12.50 0.04 15.38
C ASP A 142 11.58 1.28 15.45
N VAL A 143 10.87 1.45 16.56
CA VAL A 143 9.93 2.56 16.72
C VAL A 143 10.67 3.89 16.51
N THR A 144 11.87 3.97 17.04
CA THR A 144 12.67 5.18 16.89
C THR A 144 12.92 5.46 15.42
N GLY A 145 13.35 4.43 14.69
CA GLY A 145 13.60 4.57 13.25
C GLY A 145 12.34 4.93 12.48
N ARG A 146 11.20 4.34 12.89
CA ARG A 146 9.93 4.67 12.21
C ARG A 146 9.58 6.13 12.45
N ILE A 147 9.74 6.63 13.68
CA ILE A 147 9.46 8.04 13.97
C ILE A 147 10.45 8.91 13.19
N ALA A 148 11.74 8.55 13.20
CA ALA A 148 12.71 9.36 12.46
C ALA A 148 12.38 9.40 10.96
N GLN A 149 11.89 8.28 10.40
CA GLN A 149 11.58 8.22 8.94
C GLN A 149 10.34 9.07 8.66
N THR A 150 9.39 9.07 9.59
CA THR A 150 8.17 9.85 9.39
C THR A 150 8.52 11.33 9.37
N LEU A 151 9.39 11.75 10.31
CA LEU A 151 9.80 13.15 10.37
C LEU A 151 10.42 13.56 9.02
N LEU A 152 11.27 12.70 8.44
CA LEU A 152 11.88 13.02 7.14
C LEU A 152 10.77 13.13 6.07
N ASN A 153 9.90 12.12 6.02
CA ASN A 153 8.80 12.08 5.06
C ASN A 153 7.97 13.36 5.18
N LEU A 154 7.73 13.82 6.43
CA LEU A 154 6.93 15.03 6.68
C LEU A 154 7.71 16.29 6.27
N ALA A 155 9.05 16.22 6.36
CA ALA A 155 9.88 17.36 5.98
C ALA A 155 9.88 17.53 4.45
N LYS A 156 9.12 16.68 3.75
CA LYS A 156 9.05 16.76 2.29
C LYS A 156 7.60 16.96 1.82
N GLN A 157 6.65 17.09 2.76
CA GLN A 157 5.27 17.42 2.35
C GLN A 157 5.31 18.87 1.87
N PRO A 158 4.41 19.30 0.97
CA PRO A 158 4.44 20.67 0.45
C PRO A 158 4.43 21.75 1.54
N ASP A 159 3.61 21.52 2.58
CA ASP A 159 3.42 22.46 3.71
C ASP A 159 4.69 22.63 4.55
N ALA A 160 5.75 21.88 4.23
CA ALA A 160 7.02 21.97 4.98
C ALA A 160 7.69 23.32 4.70
N MET A 161 8.18 23.96 5.77
CA MET A 161 8.85 25.28 5.74
C MET A 161 10.35 25.10 5.53
N THR A 162 11.02 26.21 5.17
CA THR A 162 12.48 26.22 5.14
C THR A 162 12.92 26.76 6.51
N HIS A 163 14.18 26.51 6.88
CA HIS A 163 14.69 26.92 8.18
C HIS A 163 16.21 26.94 8.11
N PRO A 164 16.90 27.84 8.83
CA PRO A 164 18.37 27.91 8.75
C PRO A 164 19.09 26.64 9.26
N ASP A 165 18.35 25.77 9.96
CA ASP A 165 18.93 24.53 10.51
C ASP A 165 18.42 23.30 9.74
N GLY A 166 17.47 23.50 8.84
CA GLY A 166 16.92 22.39 8.05
C GLY A 166 15.52 22.68 7.54
N MET A 167 14.59 21.75 7.80
CA MET A 167 13.20 21.91 7.37
C MET A 167 12.29 21.88 8.61
N GLN A 168 11.44 22.90 8.73
CA GLN A 168 10.53 23.05 9.85
C GLN A 168 9.14 22.52 9.47
N ILE A 169 8.62 21.56 10.26
CA ILE A 169 7.31 20.99 10.01
C ILE A 169 6.36 21.41 11.15
N LYS A 170 5.06 21.33 10.85
CA LYS A 170 4.02 21.61 11.83
C LYS A 170 3.16 20.35 11.99
N ILE A 171 3.28 19.69 13.14
CA ILE A 171 2.50 18.50 13.36
C ILE A 171 2.44 18.22 14.86
N THR A 172 1.33 17.60 15.28
CA THR A 172 1.13 17.30 16.68
C THR A 172 1.73 15.93 16.96
N ARG A 173 2.08 15.73 18.22
CA ARG A 173 2.59 14.46 18.64
C ARG A 173 1.55 13.38 18.35
N GLN A 174 0.26 13.73 18.53
N GLN A 174 0.25 13.66 18.53
CA GLN A 174 -0.87 12.83 18.30
CA GLN A 174 -0.69 12.55 18.30
C GLN A 174 -0.82 12.31 16.85
C GLN A 174 -0.74 12.24 16.79
N GLU A 175 -0.62 13.26 15.93
CA GLU A 175 -0.60 12.97 14.47
C GLU A 175 0.61 12.12 14.12
N ILE A 176 1.77 12.40 14.73
CA ILE A 176 2.97 11.58 14.47
C ILE A 176 2.64 10.12 14.86
N GLY A 177 1.98 9.95 16.02
CA GLY A 177 1.63 8.61 16.48
C GLY A 177 0.68 7.89 15.55
N GLN A 178 -0.24 8.64 14.93
CA GLN A 178 -1.25 8.03 14.04
C GLN A 178 -0.60 7.63 12.70
N ILE A 179 0.44 8.36 12.28
CA ILE A 179 1.16 8.06 11.05
C ILE A 179 2.04 6.82 11.26
N VAL A 180 2.81 6.85 12.36
CA VAL A 180 3.77 5.79 12.65
C VAL A 180 3.06 4.51 13.14
N GLY A 181 2.05 4.68 13.99
CA GLY A 181 1.42 3.52 14.62
C GLY A 181 1.97 3.30 16.03
N CYS A 182 2.02 4.37 16.80
CA CYS A 182 2.47 4.29 18.19
C CYS A 182 1.70 5.34 19.00
N SER A 183 1.80 5.25 20.33
CA SER A 183 1.07 6.13 21.23
C SER A 183 1.68 7.53 21.22
N ARG A 184 0.86 8.51 21.63
CA ARG A 184 1.31 9.89 21.80
C ARG A 184 2.43 9.96 22.86
N GLU A 185 2.29 9.18 23.94
CA GLU A 185 3.34 9.13 25.00
C GLU A 185 4.68 8.66 24.41
N THR A 186 4.60 7.64 23.55
CA THR A 186 5.84 7.10 22.96
C THR A 186 6.50 8.18 22.11
N VAL A 187 5.68 8.85 21.28
CA VAL A 187 6.22 9.90 20.46
C VAL A 187 6.93 10.93 21.34
N GLY A 188 6.30 11.34 22.43
CA GLY A 188 6.92 12.31 23.34
C GLY A 188 8.31 11.89 23.79
N ARG A 189 8.43 10.62 24.20
CA ARG A 189 9.69 10.13 24.74
C ARG A 189 10.75 10.09 23.64
N ILE A 190 10.32 9.72 22.43
CA ILE A 190 11.24 9.59 21.33
C ILE A 190 11.67 10.97 20.81
N LEU A 191 10.75 11.94 20.77
CA LEU A 191 11.17 13.27 20.29
C LEU A 191 12.17 13.87 21.27
N LYS A 192 11.96 13.62 22.57
CA LYS A 192 12.89 14.13 23.57
C LYS A 192 14.27 13.54 23.33
N MET A 193 14.31 12.22 23.10
CA MET A 193 15.56 11.51 22.88
C MET A 193 16.27 12.09 21.64
N LEU A 194 15.54 12.20 20.53
CA LEU A 194 16.11 12.71 19.27
C LEU A 194 16.62 14.15 19.45
N GLU A 195 15.96 14.90 20.33
CA GLU A 195 16.32 16.29 20.61
C GLU A 195 17.66 16.30 21.37
N ASP A 196 17.75 15.42 22.37
CA ASP A 196 18.94 15.28 23.19
C ASP A 196 20.10 14.76 22.31
N GLN A 197 19.77 14.08 21.22
CA GLN A 197 20.78 13.54 20.28
C GLN A 197 21.13 14.59 19.21
N ASN A 198 20.54 15.79 19.34
CA ASN A 198 20.81 16.93 18.46
C ASN A 198 20.46 16.60 17.00
N LEU A 199 19.29 15.98 16.81
CA LEU A 199 18.79 15.64 15.46
C LEU A 199 17.54 16.47 15.14
N ILE A 200 16.91 17.05 16.18
CA ILE A 200 15.72 17.87 15.98
C ILE A 200 15.61 18.90 17.11
N SER A 201 14.61 19.75 16.98
CA SER A 201 14.22 20.76 17.95
C SER A 201 12.69 20.79 18.00
N ALA A 202 12.12 20.81 19.21
CA ALA A 202 10.65 20.84 19.36
C ALA A 202 10.23 22.16 20.03
N HIS A 203 9.96 23.17 19.20
CA HIS A 203 9.51 24.50 19.65
C HIS A 203 7.98 24.52 19.66
N GLY A 204 7.39 24.00 20.74
CA GLY A 204 5.93 23.96 20.90
C GLY A 204 5.28 23.00 19.93
N LYS A 205 4.38 23.53 19.09
CA LYS A 205 3.64 22.76 18.07
C LYS A 205 4.48 22.58 16.81
N THR A 206 5.73 23.06 16.86
CA THR A 206 6.64 23.00 15.73
C THR A 206 7.81 22.06 16.03
N ILE A 207 8.38 21.51 14.96
CA ILE A 207 9.55 20.64 15.02
C ILE A 207 10.48 21.01 13.86
N VAL A 208 11.78 21.12 14.17
CA VAL A 208 12.77 21.41 13.17
C VAL A 208 13.58 20.13 12.94
N VAL A 209 13.55 19.64 11.69
CA VAL A 209 14.27 18.42 11.32
C VAL A 209 15.59 18.87 10.67
N TYR A 210 16.71 18.65 11.38
CA TYR A 210 18.00 19.10 10.88
C TYR A 210 18.43 18.30 9.64
N GLY A 211 19.19 18.97 8.76
CA GLY A 211 19.71 18.38 7.53
C GLY A 211 21.14 18.84 7.26
N ASP B 12 -12.17 -14.41 -22.12
CA ASP B 12 -12.70 -13.07 -22.48
C ASP B 12 -11.81 -12.46 -23.57
N PRO B 13 -12.40 -11.77 -24.57
CA PRO B 13 -11.64 -11.25 -25.71
C PRO B 13 -10.54 -10.22 -25.39
N THR B 14 -10.68 -9.45 -24.31
CA THR B 14 -9.65 -8.46 -24.03
C THR B 14 -8.33 -9.16 -23.69
N LEU B 15 -8.37 -10.17 -22.81
CA LEU B 15 -7.13 -10.85 -22.39
C LEU B 15 -6.50 -11.59 -23.57
N GLU B 16 -7.32 -12.25 -24.39
CA GLU B 16 -6.81 -12.97 -25.56
C GLU B 16 -6.11 -11.98 -26.49
N TRP B 17 -6.73 -10.82 -26.73
CA TRP B 17 -6.14 -9.81 -27.61
C TRP B 17 -4.80 -9.35 -27.04
N PHE B 18 -4.79 -9.06 -25.73
CA PHE B 18 -3.59 -8.63 -25.05
C PHE B 18 -2.47 -9.65 -25.20
N LEU B 19 -2.78 -10.92 -24.89
CA LEU B 19 -1.77 -12.02 -24.93
C LEU B 19 -1.23 -12.22 -26.35
N SER B 20 -2.07 -11.96 -27.36
CA SER B 20 -1.63 -12.14 -28.74
C SER B 20 -0.48 -11.18 -29.07
N HIS B 21 -0.30 -10.16 -28.22
CA HIS B 21 0.74 -9.16 -28.43
C HIS B 21 1.95 -9.44 -27.54
N CYS B 22 1.83 -10.50 -26.75
CA CYS B 22 2.89 -10.84 -25.81
C CYS B 22 3.70 -12.02 -26.32
N HIS B 23 4.86 -12.21 -25.68
CA HIS B 23 5.71 -13.36 -25.86
C HIS B 23 5.74 -14.10 -24.51
N ILE B 24 5.28 -15.36 -24.53
CA ILE B 24 5.21 -16.17 -23.34
C ILE B 24 6.55 -16.90 -23.16
N HIS B 25 7.14 -16.74 -21.99
CA HIS B 25 8.39 -17.38 -21.64
C HIS B 25 8.18 -18.32 -20.44
N LYS B 26 9.04 -19.33 -20.40
CA LYS B 26 8.99 -20.32 -19.35
C LYS B 26 10.27 -20.21 -18.52
N TYR B 27 10.07 -20.20 -17.21
CA TYR B 27 11.15 -20.08 -16.27
C TYR B 27 11.04 -21.17 -15.22
N PRO B 28 12.19 -21.73 -14.81
CA PRO B 28 12.19 -22.78 -13.78
C PRO B 28 11.87 -22.21 -12.40
N SER B 29 11.44 -23.09 -11.52
CA SER B 29 11.20 -22.71 -10.13
C SER B 29 12.49 -22.08 -9.56
N LYS B 30 12.30 -21.10 -8.67
CA LYS B 30 13.33 -20.35 -7.93
C LYS B 30 14.01 -19.28 -8.82
N SER B 31 13.57 -19.12 -10.08
CA SER B 31 14.11 -18.04 -10.91
C SER B 31 13.74 -16.68 -10.31
N THR B 32 14.68 -15.72 -10.32
CA THR B 32 14.33 -14.35 -9.95
C THR B 32 13.91 -13.65 -11.24
N LEU B 33 12.60 -13.37 -11.37
CA LEU B 33 12.04 -12.75 -12.56
C LEU B 33 12.30 -11.25 -12.54
N ILE B 34 12.22 -10.65 -11.34
CA ILE B 34 12.40 -9.20 -11.20
C ILE B 34 13.32 -8.93 -10.02
N HIS B 35 14.34 -8.08 -10.24
CA HIS B 35 15.29 -7.68 -9.20
C HIS B 35 14.97 -6.25 -8.74
N GLN B 36 14.80 -6.06 -7.44
CA GLN B 36 14.54 -4.71 -6.97
C GLN B 36 15.69 -3.78 -7.38
N GLY B 37 15.35 -2.57 -7.80
CA GLY B 37 16.35 -1.55 -8.16
C GLY B 37 16.70 -1.47 -9.65
N GLU B 38 16.36 -2.50 -10.43
N GLU B 38 16.43 -2.55 -10.39
CA GLU B 38 16.71 -2.54 -11.85
CA GLU B 38 16.77 -2.57 -11.81
C GLU B 38 15.75 -1.66 -12.66
C GLU B 38 15.80 -1.67 -12.59
N LYS B 39 16.21 -1.21 -13.84
N LYS B 39 16.26 -1.19 -13.75
CA LYS B 39 15.40 -0.35 -14.72
CA LYS B 39 15.40 -0.39 -14.62
C LYS B 39 14.23 -1.18 -15.28
C LYS B 39 14.20 -1.25 -15.05
N ALA B 40 13.03 -0.60 -15.21
CA ALA B 40 11.80 -1.29 -15.60
C ALA B 40 11.39 -0.85 -17.00
N GLU B 41 11.34 -1.82 -17.93
N GLU B 41 11.32 -1.80 -17.94
CA GLU B 41 10.98 -1.54 -19.31
CA GLU B 41 10.90 -1.49 -19.31
C GLU B 41 10.00 -2.59 -19.83
C GLU B 41 9.94 -2.58 -19.83
N THR B 42 9.60 -3.53 -18.95
CA THR B 42 8.77 -4.65 -19.37
C THR B 42 7.63 -4.94 -18.40
N LEU B 43 6.46 -5.29 -18.97
CA LEU B 43 5.28 -5.72 -18.21
C LEU B 43 5.16 -7.23 -18.37
N TYR B 44 4.74 -7.89 -17.28
CA TYR B 44 4.55 -9.34 -17.26
C TYR B 44 3.14 -9.70 -16.82
N TYR B 45 2.72 -10.90 -17.20
CA TYR B 45 1.43 -11.45 -16.85
C TYR B 45 1.59 -12.95 -16.66
N ILE B 46 1.20 -13.45 -15.49
CA ILE B 46 1.35 -14.87 -15.18
C ILE B 46 0.26 -15.70 -15.88
N VAL B 47 0.70 -16.52 -16.83
CA VAL B 47 -0.17 -17.42 -17.57
C VAL B 47 -0.32 -18.69 -16.72
N LYS B 48 0.77 -19.11 -16.09
CA LYS B 48 0.75 -20.28 -15.26
C LYS B 48 1.84 -20.15 -14.19
N GLY B 49 1.53 -20.58 -12.96
CA GLY B 49 2.51 -20.60 -11.87
C GLY B 49 2.22 -19.58 -10.79
N SER B 50 3.17 -19.47 -9.87
CA SER B 50 3.01 -18.56 -8.77
C SER B 50 4.37 -17.97 -8.39
N VAL B 51 4.33 -16.74 -7.89
CA VAL B 51 5.52 -16.03 -7.51
C VAL B 51 5.31 -15.39 -6.14
N ALA B 52 6.43 -14.99 -5.55
CA ALA B 52 6.48 -14.28 -4.29
C ALA B 52 7.06 -12.88 -4.58
N VAL B 53 6.41 -11.86 -4.03
CA VAL B 53 6.89 -10.49 -4.11
C VAL B 53 7.52 -10.19 -2.75
N LEU B 54 8.82 -9.85 -2.76
CA LEU B 54 9.57 -9.70 -1.51
C LEU B 54 10.32 -8.38 -1.46
N ILE B 55 10.47 -7.87 -0.23
CA ILE B 55 11.32 -6.73 0.05
C ILE B 55 12.29 -7.17 1.15
N LYS B 56 13.45 -6.49 1.23
CA LYS B 56 14.49 -6.91 2.18
C LYS B 56 15.03 -5.72 2.97
N ASP B 57 15.59 -5.98 4.16
CA ASP B 57 16.20 -4.89 4.92
C ASP B 57 17.70 -4.81 4.57
N GLU B 58 18.45 -4.05 5.36
CA GLU B 58 19.87 -3.85 5.14
C GLU B 58 20.63 -5.18 5.22
N GLU B 59 20.36 -5.98 6.26
CA GLU B 59 21.01 -7.29 6.45
C GLU B 59 20.50 -8.31 5.42
N GLY B 60 19.55 -7.90 4.59
CA GLY B 60 18.97 -8.80 3.59
C GLY B 60 17.87 -9.68 4.19
N LYS B 61 17.32 -9.28 5.35
CA LYS B 61 16.18 -9.99 5.97
C LYS B 61 14.97 -9.78 5.04
N GLU B 62 13.86 -10.47 5.26
CA GLU B 62 12.77 -10.41 4.25
C GLU B 62 11.35 -10.33 4.84
N MET B 63 10.45 -9.78 4.01
CA MET B 63 9.02 -9.67 4.27
C MET B 63 8.33 -9.96 2.93
N ILE B 64 7.31 -10.80 2.95
CA ILE B 64 6.58 -11.08 1.72
C ILE B 64 5.47 -10.04 1.61
N LEU B 65 5.45 -9.31 0.50
CA LEU B 65 4.39 -8.34 0.30
C LEU B 65 3.15 -9.05 -0.21
N SER B 66 3.35 -10.07 -1.06
CA SER B 66 2.25 -10.76 -1.67
C SER B 66 2.71 -12.01 -2.43
N TYR B 67 1.80 -12.97 -2.56
CA TYR B 67 1.96 -14.04 -3.51
C TYR B 67 1.10 -13.60 -4.71
N LEU B 68 1.56 -13.93 -5.92
CA LEU B 68 0.77 -13.63 -7.11
C LEU B 68 0.69 -14.92 -7.90
N ASN B 69 -0.36 -15.07 -8.70
CA ASN B 69 -0.66 -16.32 -9.34
C ASN B 69 -1.18 -16.09 -10.75
N GLN B 70 -1.64 -17.17 -11.38
CA GLN B 70 -2.17 -17.15 -12.74
C GLN B 70 -3.19 -16.02 -12.85
N GLY B 71 -3.02 -15.16 -13.86
CA GLY B 71 -3.99 -14.07 -14.08
C GLY B 71 -3.54 -12.72 -13.53
N ASP B 72 -2.41 -12.72 -12.80
CA ASP B 72 -1.87 -11.52 -12.21
C ASP B 72 -0.80 -10.88 -13.08
N PHE B 73 -0.91 -9.57 -13.22
CA PHE B 73 0.13 -8.78 -13.83
C PHE B 73 1.27 -8.65 -12.82
N ILE B 74 2.51 -8.54 -13.33
CA ILE B 74 3.68 -8.26 -12.49
C ILE B 74 4.51 -7.22 -13.23
N GLY B 75 5.23 -6.39 -12.47
CA GLY B 75 6.12 -5.39 -13.06
C GLY B 75 5.39 -4.20 -13.67
N GLU B 76 4.19 -3.94 -13.14
CA GLU B 76 3.34 -2.90 -13.67
C GLU B 76 3.68 -1.52 -13.08
N LEU B 77 4.35 -1.47 -11.92
CA LEU B 77 4.51 -0.19 -11.26
C LEU B 77 5.45 0.76 -11.99
N GLY B 78 6.32 0.25 -12.87
CA GLY B 78 7.23 1.16 -13.60
C GLY B 78 6.66 1.69 -14.92
N LEU B 79 5.44 1.27 -15.26
CA LEU B 79 4.83 1.56 -16.56
C LEU B 79 4.49 3.04 -16.79
N PHE B 80 4.21 3.80 -15.72
CA PHE B 80 3.59 5.11 -15.89
C PHE B 80 4.56 6.30 -15.95
N GLU B 81 5.77 6.15 -15.43
CA GLU B 81 6.73 7.25 -15.45
C GLU B 81 8.09 6.72 -15.94
N GLU B 82 8.79 7.58 -16.69
CA GLU B 82 10.11 7.22 -17.23
C GLU B 82 11.11 7.08 -16.08
N GLY B 83 12.06 6.14 -16.25
CA GLY B 83 13.19 5.95 -15.34
C GLY B 83 12.84 5.28 -14.03
N GLN B 84 11.70 4.58 -14.00
CA GLN B 84 11.28 3.88 -12.81
C GLN B 84 12.15 2.63 -12.62
N GLU B 85 12.40 2.31 -11.35
CA GLU B 85 13.14 1.14 -10.94
C GLU B 85 12.18 0.16 -10.27
N ARG B 86 12.53 -1.13 -10.33
CA ARG B 86 11.69 -2.18 -9.75
C ARG B 86 11.59 -1.94 -8.23
N SER B 87 10.35 -2.03 -7.72
CA SER B 87 10.08 -1.70 -6.31
C SER B 87 10.33 -2.89 -5.39
N ALA B 88 10.52 -4.09 -5.97
CA ALA B 88 10.63 -5.27 -5.16
C ALA B 88 11.19 -6.42 -5.97
N TRP B 89 11.54 -7.49 -5.27
CA TRP B 89 12.00 -8.73 -5.88
C TRP B 89 10.78 -9.61 -6.18
N VAL B 90 10.79 -10.26 -7.35
CA VAL B 90 9.77 -11.23 -7.66
C VAL B 90 10.48 -12.54 -8.02
N ARG B 91 10.19 -13.61 -7.27
N ARG B 91 10.20 -13.58 -7.23
CA ARG B 91 10.88 -14.88 -7.47
CA ARG B 91 10.80 -14.89 -7.40
C ARG B 91 9.83 -15.99 -7.67
C ARG B 91 9.74 -15.92 -7.78
N ALA B 92 10.08 -16.82 -8.70
CA ALA B 92 9.18 -17.88 -9.07
C ALA B 92 9.14 -18.93 -7.94
N LYS B 93 7.94 -19.27 -7.48
CA LYS B 93 7.76 -20.29 -6.42
C LYS B 93 7.65 -21.67 -7.06
N THR B 94 7.06 -21.71 -8.26
CA THR B 94 6.90 -22.88 -9.07
C THR B 94 7.48 -22.58 -10.44
N ALA B 95 7.52 -23.58 -11.32
CA ALA B 95 7.86 -23.27 -12.68
C ALA B 95 6.79 -22.28 -13.15
N CYS B 96 7.18 -21.30 -13.96
CA CYS B 96 6.28 -20.26 -14.38
C CYS B 96 6.26 -20.08 -15.89
N GLU B 97 5.07 -19.76 -16.41
CA GLU B 97 4.82 -19.38 -17.79
C GLU B 97 4.36 -17.94 -17.72
N VAL B 98 5.16 -17.03 -18.25
CA VAL B 98 4.89 -15.60 -18.06
C VAL B 98 4.88 -14.89 -19.41
N ALA B 99 3.77 -14.18 -19.70
CA ALA B 99 3.69 -13.37 -20.91
C ALA B 99 4.45 -12.07 -20.64
N GLU B 100 5.18 -11.61 -21.65
CA GLU B 100 5.97 -10.40 -21.53
C GLU B 100 5.67 -9.46 -22.71
N ILE B 101 5.69 -8.16 -22.42
CA ILE B 101 5.47 -7.13 -23.43
C ILE B 101 6.19 -5.86 -22.96
N SER B 102 6.83 -5.18 -23.91
CA SER B 102 7.51 -3.95 -23.58
C SER B 102 6.49 -2.92 -23.10
N TYR B 103 6.94 -2.00 -22.23
CA TYR B 103 6.11 -0.91 -21.82
C TYR B 103 5.68 -0.09 -23.06
N LYS B 104 6.61 0.09 -24.00
CA LYS B 104 6.32 0.88 -25.20
C LYS B 104 5.10 0.31 -25.94
N LYS B 105 5.12 -0.99 -26.20
CA LYS B 105 4.07 -1.67 -26.91
C LYS B 105 2.77 -1.62 -26.08
N PHE B 106 2.88 -1.87 -24.77
CA PHE B 106 1.71 -1.88 -23.91
C PHE B 106 1.02 -0.51 -23.96
N ARG B 107 1.82 0.56 -23.92
CA ARG B 107 1.26 1.93 -23.97
C ARG B 107 0.44 2.11 -25.26
N GLN B 108 0.88 1.48 -26.35
CA GLN B 108 0.19 1.53 -27.65
C GLN B 108 -1.14 0.78 -27.54
N LEU B 109 -1.13 -0.37 -26.86
CA LEU B 109 -2.34 -1.20 -26.72
C LEU B 109 -3.42 -0.42 -25.96
N ILE B 110 -3.01 0.37 -24.96
CA ILE B 110 -3.91 1.17 -24.14
C ILE B 110 -4.68 2.18 -24.99
N GLN B 111 -4.02 2.81 -25.97
CA GLN B 111 -4.65 3.80 -26.85
C GLN B 111 -5.65 3.11 -27.77
N VAL B 112 -5.39 1.84 -28.11
CA VAL B 112 -6.29 1.06 -28.96
C VAL B 112 -7.53 0.64 -28.16
N ASN B 113 -7.31 0.10 -26.95
CA ASN B 113 -8.41 -0.38 -26.11
C ASN B 113 -7.99 -0.26 -24.65
N PRO B 114 -8.40 0.82 -23.98
CA PRO B 114 -8.02 1.03 -22.59
C PRO B 114 -8.56 0.02 -21.56
N ASP B 115 -9.46 -0.89 -21.99
N ASP B 115 -9.43 -0.90 -22.00
CA ASP B 115 -9.97 -1.92 -21.09
CA ASP B 115 -9.96 -1.92 -21.08
C ASP B 115 -8.80 -2.73 -20.48
C ASP B 115 -8.81 -2.77 -20.50
N ILE B 116 -7.70 -2.90 -21.24
CA ILE B 116 -6.56 -3.70 -20.73
C ILE B 116 -5.91 -2.92 -19.56
N LEU B 117 -5.94 -1.59 -19.62
CA LEU B 117 -5.37 -0.79 -18.53
C LEU B 117 -6.36 -0.83 -17.36
N MET B 118 -7.66 -0.92 -17.67
CA MET B 118 -8.63 -1.06 -16.56
C MET B 118 -8.37 -2.37 -15.80
N ARG B 119 -8.02 -3.45 -16.54
CA ARG B 119 -7.79 -4.75 -15.87
C ARG B 119 -6.54 -4.69 -14.99
N LEU B 120 -5.50 -4.03 -15.47
CA LEU B 120 -4.25 -3.89 -14.72
C LEU B 120 -4.51 -3.02 -13.49
N SER B 121 -5.23 -1.91 -13.71
CA SER B 121 -5.48 -0.97 -12.63
C SER B 121 -6.35 -1.57 -11.54
N SER B 122 -7.28 -2.46 -11.94
CA SER B 122 -8.12 -3.15 -10.99
C SER B 122 -7.23 -3.96 -10.02
N GLN B 123 -6.18 -4.58 -10.56
CA GLN B 123 -5.27 -5.38 -9.69
C GLN B 123 -4.44 -4.45 -8.82
N MET B 124 -4.02 -3.32 -9.34
CA MET B 124 -3.24 -2.39 -8.51
C MET B 124 -4.13 -1.89 -7.35
N ALA B 125 -5.41 -1.67 -7.63
CA ALA B 125 -6.35 -1.15 -6.60
C ALA B 125 -6.51 -2.19 -5.49
N ASN B 126 -6.69 -3.44 -5.88
N ASN B 126 -6.67 -3.45 -5.90
CA ASN B 126 -6.84 -4.50 -4.89
CA ASN B 126 -6.85 -4.57 -4.97
C ASN B 126 -5.55 -4.59 -4.07
C ASN B 126 -5.58 -4.73 -4.12
N ARG B 127 -4.41 -4.61 -4.75
CA ARG B 127 -3.12 -4.73 -4.03
C ARG B 127 -2.97 -3.59 -3.02
N LEU B 128 -3.36 -2.38 -3.41
CA LEU B 128 -3.24 -1.24 -2.49
C LEU B 128 -4.15 -1.42 -1.28
N GLN B 129 -5.36 -1.95 -1.48
CA GLN B 129 -6.29 -2.14 -0.36
C GLN B 129 -5.73 -3.21 0.60
N ILE B 130 -5.25 -4.33 0.07
CA ILE B 130 -4.64 -5.41 0.86
C ILE B 130 -3.41 -4.93 1.65
N THR B 131 -2.52 -4.19 0.98
CA THR B 131 -1.28 -3.75 1.62
C THR B 131 -1.59 -2.69 2.68
N SER B 132 -2.57 -1.83 2.36
CA SER B 132 -3.03 -0.80 3.32
C SER B 132 -3.58 -1.46 4.59
N GLU B 133 -4.38 -2.52 4.41
CA GLU B 133 -4.98 -3.18 5.53
C GLU B 133 -3.90 -3.82 6.40
N LYS B 134 -2.81 -4.29 5.77
CA LYS B 134 -1.72 -4.93 6.53
CA LYS B 134 -1.69 -4.92 6.51
C LYS B 134 -1.02 -3.86 7.39
N VAL B 135 -0.88 -2.65 6.86
CA VAL B 135 -0.29 -1.53 7.64
C VAL B 135 -1.16 -1.28 8.87
N GLY B 136 -2.46 -1.17 8.65
CA GLY B 136 -3.35 -0.86 9.79
C GLY B 136 -3.38 -1.98 10.81
N ASN B 137 -3.30 -3.21 10.33
CA ASN B 137 -3.37 -4.38 11.19
C ASN B 137 -2.12 -4.57 12.03
N LEU B 138 -0.94 -4.20 11.50
CA LEU B 138 0.30 -4.49 12.20
C LEU B 138 0.92 -3.28 12.92
N ALA B 139 0.64 -2.06 12.45
CA ALA B 139 1.41 -0.86 12.90
C ALA B 139 1.46 -0.70 14.43
N PHE B 140 0.30 -0.73 15.09
CA PHE B 140 0.27 -0.42 16.56
C PHE B 140 0.69 -1.60 17.43
N LEU B 141 0.98 -2.77 16.86
CA LEU B 141 1.32 -3.91 17.67
C LEU B 141 2.83 -4.15 17.70
N ASP B 142 3.30 -4.78 18.78
CA ASP B 142 4.69 -5.25 18.89
C ASP B 142 4.73 -6.64 18.24
N VAL B 143 5.92 -7.25 18.20
CA VAL B 143 6.07 -8.54 17.52
C VAL B 143 5.13 -9.60 18.14
N THR B 144 4.94 -9.62 19.46
CA THR B 144 4.03 -10.61 20.07
C THR B 144 2.61 -10.39 19.58
N GLY B 145 2.15 -9.13 19.63
CA GLY B 145 0.81 -8.81 19.18
C GLY B 145 0.61 -9.22 17.72
N ARG B 146 1.63 -8.98 16.91
CA ARG B 146 1.54 -9.29 15.48
C ARG B 146 1.42 -10.79 15.25
N ILE B 147 2.22 -11.57 15.99
CA ILE B 147 2.16 -13.01 15.81
C ILE B 147 0.79 -13.53 16.25
N ALA B 148 0.30 -13.05 17.39
CA ALA B 148 -1.00 -13.51 17.89
C ALA B 148 -2.10 -13.19 16.88
N GLN B 149 -2.14 -11.94 16.41
CA GLN B 149 -3.17 -11.56 15.45
C GLN B 149 -3.08 -12.44 14.19
N THR B 150 -1.85 -12.70 13.74
CA THR B 150 -1.64 -13.52 12.55
C THR B 150 -2.28 -14.91 12.71
N LEU B 151 -1.99 -15.57 13.84
CA LEU B 151 -2.52 -16.91 14.06
C LEU B 151 -4.06 -16.87 14.17
N LEU B 152 -4.60 -15.92 14.93
CA LEU B 152 -6.06 -15.80 15.11
C LEU B 152 -6.74 -15.55 13.75
N ASN B 153 -6.11 -14.75 12.89
CA ASN B 153 -6.70 -14.48 11.57
C ASN B 153 -6.71 -15.77 10.73
N LEU B 154 -5.60 -16.50 10.75
CA LEU B 154 -5.52 -17.72 9.96
C LEU B 154 -6.54 -18.74 10.49
N ALA B 155 -6.80 -18.68 11.79
CA ALA B 155 -7.71 -19.66 12.40
C ALA B 155 -9.15 -19.45 11.93
N LYS B 156 -9.44 -18.26 11.37
CA LYS B 156 -10.83 -18.02 10.98
C LYS B 156 -10.98 -18.07 9.45
N GLN B 157 -9.94 -18.51 8.73
N GLN B 157 -9.93 -18.50 8.74
CA GLN B 157 -10.05 -18.62 7.28
CA GLN B 157 -10.02 -18.65 7.27
C GLN B 157 -10.73 -19.95 6.96
C GLN B 157 -10.76 -19.94 6.98
N PRO B 158 -11.31 -20.12 5.76
CA PRO B 158 -12.00 -21.37 5.41
C PRO B 158 -11.15 -22.65 5.48
N ASP B 159 -9.85 -22.56 5.16
CA ASP B 159 -9.02 -23.78 5.12
C ASP B 159 -8.50 -24.15 6.52
N ALA B 160 -8.99 -23.48 7.57
CA ALA B 160 -8.60 -23.87 8.93
C ALA B 160 -9.40 -25.13 9.27
N MET B 161 -8.74 -26.12 9.86
CA MET B 161 -9.38 -27.41 10.10
C MET B 161 -9.74 -27.58 11.57
N THR B 162 -10.82 -28.33 11.79
CA THR B 162 -11.34 -28.64 13.12
C THR B 162 -10.33 -29.53 13.88
N HIS B 163 -10.21 -29.26 15.19
CA HIS B 163 -9.31 -29.98 16.06
C HIS B 163 -9.99 -30.17 17.41
N PRO B 164 -9.73 -31.28 18.12
CA PRO B 164 -10.30 -31.48 19.46
C PRO B 164 -10.03 -30.31 20.43
N ASP B 165 -8.90 -29.61 20.22
CA ASP B 165 -8.51 -28.50 21.10
C ASP B 165 -8.99 -27.15 20.56
N GLY B 166 -9.35 -27.10 19.27
CA GLY B 166 -9.81 -25.84 18.63
C GLY B 166 -9.65 -25.88 17.12
N MET B 167 -9.16 -24.77 16.55
CA MET B 167 -8.97 -24.67 15.10
C MET B 167 -7.48 -24.83 14.79
N GLN B 168 -7.20 -25.77 13.88
CA GLN B 168 -5.85 -26.08 13.46
C GLN B 168 -5.52 -25.35 12.16
N ILE B 169 -4.30 -24.80 12.12
CA ILE B 169 -3.78 -24.12 10.95
C ILE B 169 -2.43 -24.75 10.59
N LYS B 170 -2.15 -24.74 9.28
CA LYS B 170 -0.88 -25.22 8.74
C LYS B 170 -0.02 -24.00 8.45
N ILE B 171 1.08 -23.87 9.20
CA ILE B 171 1.97 -22.75 8.98
C ILE B 171 3.26 -23.01 9.74
N THR B 172 4.38 -22.55 9.16
CA THR B 172 5.68 -22.76 9.75
C THR B 172 6.17 -21.50 10.45
N ARG B 173 7.15 -21.68 11.33
CA ARG B 173 7.72 -20.59 12.06
CA ARG B 173 7.74 -20.58 12.06
C ARG B 173 8.34 -19.61 11.05
N GLN B 174 8.87 -20.16 9.96
CA GLN B 174 9.51 -19.33 8.95
C GLN B 174 8.48 -18.41 8.27
N GLU B 175 7.32 -18.97 7.90
CA GLU B 175 6.37 -18.14 7.15
C GLU B 175 5.65 -17.18 8.11
N ILE B 176 5.59 -17.51 9.41
CA ILE B 176 5.04 -16.55 10.37
C ILE B 176 5.97 -15.35 10.39
N GLY B 177 7.28 -15.63 10.48
CA GLY B 177 8.29 -14.58 10.51
C GLY B 177 8.27 -13.72 9.24
N GLN B 178 7.92 -14.34 8.11
CA GLN B 178 7.84 -13.66 6.80
C GLN B 178 6.61 -12.75 6.71
N ILE B 179 5.56 -13.11 7.46
CA ILE B 179 4.33 -12.30 7.51
C ILE B 179 4.55 -11.08 8.41
N VAL B 180 5.10 -11.31 9.61
CA VAL B 180 5.23 -10.21 10.58
C VAL B 180 6.59 -9.53 10.47
N GLY B 181 7.48 -10.07 9.63
CA GLY B 181 8.80 -9.50 9.46
C GLY B 181 9.67 -9.66 10.72
N CYS B 182 9.84 -10.89 11.19
CA CYS B 182 10.75 -11.16 12.34
C CYS B 182 11.49 -12.48 12.09
N SER B 183 12.49 -12.78 12.92
CA SER B 183 13.30 -14.00 12.76
C SER B 183 12.51 -15.25 13.15
N ARG B 184 13.01 -16.39 12.68
CA ARG B 184 12.42 -17.68 12.96
C ARG B 184 12.58 -18.00 14.46
N GLU B 185 13.70 -17.57 15.06
CA GLU B 185 13.97 -17.83 16.49
C GLU B 185 13.02 -17.01 17.38
N THR B 186 12.73 -15.77 16.97
CA THR B 186 11.82 -14.93 17.74
C THR B 186 10.43 -15.56 17.72
N VAL B 187 10.02 -16.06 16.55
CA VAL B 187 8.74 -16.72 16.44
C VAL B 187 8.69 -17.89 17.42
N GLY B 188 9.74 -18.68 17.43
CA GLY B 188 9.81 -19.85 18.32
C GLY B 188 9.55 -19.45 19.75
N ARG B 189 10.25 -18.40 20.20
CA ARG B 189 10.13 -17.97 21.58
C ARG B 189 8.71 -17.46 21.88
N ILE B 190 8.13 -16.75 20.92
CA ILE B 190 6.83 -16.19 21.17
C ILE B 190 5.76 -17.28 21.13
N LEU B 191 5.94 -18.30 20.29
CA LEU B 191 4.96 -19.38 20.24
C LEU B 191 4.97 -20.14 21.59
N LYS B 192 6.15 -20.29 22.17
CA LYS B 192 6.29 -20.96 23.46
C LYS B 192 5.50 -20.16 24.51
N MET B 193 5.65 -18.82 24.46
CA MET B 193 4.98 -17.98 25.43
C MET B 193 3.44 -18.08 25.29
N LEU B 194 2.96 -18.11 24.04
CA LEU B 194 1.52 -18.17 23.79
C LEU B 194 0.96 -19.51 24.28
N GLU B 195 1.75 -20.57 24.17
CA GLU B 195 1.33 -21.88 24.68
C GLU B 195 1.17 -21.82 26.20
N ASP B 196 2.13 -21.19 26.87
CA ASP B 196 2.17 -21.08 28.33
C ASP B 196 1.02 -20.23 28.87
N GLN B 197 0.52 -19.31 28.03
CA GLN B 197 -0.61 -18.46 28.39
C GLN B 197 -1.93 -19.17 28.05
N ASN B 198 -1.82 -20.40 27.54
CA ASN B 198 -2.99 -21.24 27.24
C ASN B 198 -3.86 -20.61 26.14
N LEU B 199 -3.23 -20.17 25.05
CA LEU B 199 -3.97 -19.58 23.92
C LEU B 199 -3.81 -20.46 22.68
N ILE B 200 -2.68 -21.17 22.59
CA ILE B 200 -2.39 -22.04 21.46
C ILE B 200 -1.68 -23.31 21.95
N SER B 201 -1.52 -24.23 20.99
CA SER B 201 -0.76 -25.42 21.09
C SER B 201 0.03 -25.52 19.79
N ALA B 202 1.34 -25.77 19.87
CA ALA B 202 2.18 -25.82 18.65
C ALA B 202 2.75 -27.23 18.49
N HIS B 203 2.56 -27.80 17.31
CA HIS B 203 2.98 -29.17 17.06
C HIS B 203 3.59 -29.29 15.66
N GLY B 204 4.91 -29.23 15.59
CA GLY B 204 5.59 -29.33 14.31
C GLY B 204 5.19 -28.19 13.39
N LYS B 205 4.61 -28.54 12.24
CA LYS B 205 4.23 -27.58 11.21
C LYS B 205 2.72 -27.27 11.25
N THR B 206 2.14 -27.35 12.45
CA THR B 206 0.74 -27.02 12.61
C THR B 206 0.57 -26.41 13.99
N ILE B 207 -0.42 -25.51 14.11
CA ILE B 207 -0.73 -24.80 15.32
C ILE B 207 -2.23 -24.93 15.58
N VAL B 208 -2.58 -24.99 16.87
CA VAL B 208 -3.95 -25.05 17.26
C VAL B 208 -4.27 -23.80 18.07
N VAL B 209 -5.19 -23.01 17.55
CA VAL B 209 -5.64 -21.81 18.23
C VAL B 209 -6.86 -22.24 19.05
N TYR B 210 -6.79 -21.98 20.37
CA TYR B 210 -7.87 -22.41 21.28
C TYR B 210 -9.08 -21.50 21.13
N GLY B 211 -10.26 -22.12 21.19
CA GLY B 211 -11.55 -21.41 21.07
C GLY B 211 -12.35 -21.53 22.36
P CMP C . -11.70 4.61 -2.10
O1P CMP C . -11.41 3.26 -1.51
O2P CMP C . -12.73 4.80 -3.18
O5' CMP C . -12.01 5.65 -0.91
C5' CMP C . -11.01 5.85 0.07
C4' CMP C . -9.81 6.40 -0.66
O4' CMP C . -8.66 6.61 0.14
C3' CMP C . -9.31 5.43 -1.71
O3' CMP C . -10.32 5.20 -2.70
C2' CMP C . -8.03 6.11 -2.10
O2' CMP C . -8.28 7.25 -2.92
C1' CMP C . -7.54 6.58 -0.73
N9 CMP C . -6.53 5.62 -0.25
C8 CMP C . -6.79 4.40 0.23
N7 CMP C . -5.65 3.77 0.55
C5 CMP C . -4.64 4.62 0.28
C6 CMP C . -3.19 4.61 0.40
N6 CMP C . -2.58 3.51 0.89
N1 CMP C . -2.50 5.68 0.00
C2 CMP C . -3.12 6.79 -0.48
N3 CMP C . -4.46 6.87 -0.60
C4 CMP C . -5.23 5.84 -0.25
CL CL D . -18.65 8.29 1.68
CL CL E . 2.26 18.46 19.84
CL CL E . 0.82 17.90 20.66
CL CL F . 10.03 -1.74 18.43
CL CL F . 11.45 -0.87 19.07
P CMP G . 7.61 -3.32 -10.24
O1P CMP G . 7.88 -2.33 -9.13
O2P CMP G . 7.81 -2.93 -11.66
O5' CMP G . 8.49 -4.64 -9.85
C5' CMP G . 8.22 -5.33 -8.63
C4' CMP G . 6.77 -5.77 -8.69
O4' CMP G . 6.26 -6.40 -7.52
C3' CMP G . 5.85 -4.58 -8.84
O3' CMP G . 6.11 -3.95 -10.08
C2' CMP G . 4.51 -5.22 -8.61
O2' CMP G . 4.09 -6.00 -9.75
C1' CMP G . 4.85 -6.16 -7.46
N9 CMP G . 4.49 -5.56 -6.16
C8 CMP G . 5.16 -4.58 -5.51
N7 CMP G . 4.55 -4.27 -4.36
C5 CMP G . 3.48 -5.07 -4.25
C6 CMP G . 2.39 -5.25 -3.28
N6 CMP G . 2.31 -4.52 -2.15
N1 CMP G . 1.46 -6.17 -3.58
C2 CMP G . 1.50 -6.92 -4.68
N3 CMP G . 2.44 -6.79 -5.60
C4 CMP G . 3.44 -5.90 -5.44
#